data_3HYA
# 
_entry.id   3HYA 
# 
_audit_conform.dict_name       mmcif_pdbx.dic 
_audit_conform.dict_version    5.387 
_audit_conform.dict_location   http://mmcif.pdb.org/dictionaries/ascii/mmcif_pdbx.dic 
# 
loop_
_database_2.database_id 
_database_2.database_code 
_database_2.pdbx_database_accession 
_database_2.pdbx_DOI 
PDB   3HYA         pdb_00003hya 10.2210/pdb3hya/pdb 
WWPDB D_1000179012 ?            ?                   
# 
loop_
_pdbx_audit_revision_history.ordinal 
_pdbx_audit_revision_history.data_content_type 
_pdbx_audit_revision_history.major_revision 
_pdbx_audit_revision_history.minor_revision 
_pdbx_audit_revision_history.revision_date 
1 'Structure model' 1 0 1980-03-28 
2 'Structure model' 1 1 2008-03-21 
3 'Structure model' 1 2 2011-07-13 
4 'Structure model' 2 0 2020-07-29 
5 'Structure model' 2 1 2024-02-21 
# 
loop_
_pdbx_audit_revision_details.ordinal 
_pdbx_audit_revision_details.revision_ordinal 
_pdbx_audit_revision_details.data_content_type 
_pdbx_audit_revision_details.provider 
_pdbx_audit_revision_details.type 
_pdbx_audit_revision_details.description 
_pdbx_audit_revision_details.details 
1 1 'Structure model' repository 'Initial release' ?                          ? 
2 4 'Structure model' repository Remediation       'Carbohydrate remediation' ? 
# 
loop_
_pdbx_audit_revision_group.ordinal 
_pdbx_audit_revision_group.revision_ordinal 
_pdbx_audit_revision_group.data_content_type 
_pdbx_audit_revision_group.group 
1  2 'Structure model' 'Version format compliance' 
2  3 'Structure model' 'Non-polymer description'   
3  3 'Structure model' 'Version format compliance' 
4  4 'Structure model' 'Atomic model'              
5  4 'Structure model' 'Data collection'           
6  4 'Structure model' 'Database references'       
7  4 'Structure model' 'Derived calculations'      
8  4 'Structure model' Other                       
9  4 'Structure model' 'Structure summary'         
10 5 'Structure model' 'Data collection'           
11 5 'Structure model' 'Database references'       
12 5 'Structure model' 'Structure summary'         
# 
loop_
_pdbx_audit_revision_category.ordinal 
_pdbx_audit_revision_category.revision_ordinal 
_pdbx_audit_revision_category.data_content_type 
_pdbx_audit_revision_category.category 
1  4 'Structure model' atom_site                     
2  4 'Structure model' chem_comp                     
3  4 'Structure model' entity                        
4  4 'Structure model' pdbx_branch_scheme            
5  4 'Structure model' pdbx_chem_comp_identifier     
6  4 'Structure model' pdbx_database_status          
7  4 'Structure model' pdbx_entity_branch            
8  4 'Structure model' pdbx_entity_branch_descriptor 
9  4 'Structure model' pdbx_entity_branch_link       
10 4 'Structure model' pdbx_entity_branch_list       
11 4 'Structure model' pdbx_entity_nonpoly           
12 4 'Structure model' pdbx_nonpoly_scheme           
13 4 'Structure model' pdbx_struct_assembly          
14 4 'Structure model' pdbx_struct_conn_angle        
15 4 'Structure model' pdbx_struct_oper_list         
16 4 'Structure model' struct_asym                   
17 4 'Structure model' struct_conn                   
18 4 'Structure model' struct_ref                    
19 4 'Structure model' struct_ref_seq                
20 4 'Structure model' struct_site                   
21 4 'Structure model' struct_site_gen               
22 5 'Structure model' chem_comp                     
23 5 'Structure model' chem_comp_atom                
24 5 'Structure model' chem_comp_bond                
25 5 'Structure model' database_2                    
# 
loop_
_pdbx_audit_revision_item.ordinal 
_pdbx_audit_revision_item.revision_ordinal 
_pdbx_audit_revision_item.data_content_type 
_pdbx_audit_revision_item.item 
1  4 'Structure model' '_atom_site.label_asym_id'                    
2  4 'Structure model' '_atom_site.label_entity_id'                  
3  4 'Structure model' '_chem_comp.name'                             
4  4 'Structure model' '_chem_comp.type'                             
5  4 'Structure model' '_pdbx_database_status.process_site'          
6  4 'Structure model' '_pdbx_struct_conn_angle.ptnr1_auth_seq_id'   
7  4 'Structure model' '_pdbx_struct_conn_angle.ptnr1_label_asym_id' 
8  4 'Structure model' '_pdbx_struct_conn_angle.ptnr2_label_asym_id' 
9  4 'Structure model' '_pdbx_struct_conn_angle.ptnr3_auth_seq_id'   
10 4 'Structure model' '_pdbx_struct_conn_angle.ptnr3_label_asym_id' 
11 4 'Structure model' '_pdbx_struct_conn_angle.value'               
12 4 'Structure model' '_struct_conn.pdbx_dist_value'                
13 4 'Structure model' '_struct_conn.pdbx_leaving_atom_flag'         
14 4 'Structure model' '_struct_conn.ptnr1_label_asym_id'            
15 4 'Structure model' '_struct_conn.ptnr2_auth_seq_id'              
16 4 'Structure model' '_struct_conn.ptnr2_label_asym_id'            
17 5 'Structure model' '_chem_comp.pdbx_synonyms'                    
18 5 'Structure model' '_database_2.pdbx_DOI'                        
19 5 'Structure model' '_database_2.pdbx_database_accession'         
# 
_pdbx_database_status.status_code                     REL 
_pdbx_database_status.entry_id                        3HYA 
_pdbx_database_status.recvd_initial_deposition_date   1977-11-20 
_pdbx_database_status.deposit_site                    ? 
_pdbx_database_status.process_site                    BNL 
_pdbx_database_status.SG_entry                        . 
_pdbx_database_status.status_code_sf                  ? 
_pdbx_database_status.status_code_mr                  ? 
_pdbx_database_status.pdb_format_compatible           Y 
_pdbx_database_status.status_code_cs                  ? 
_pdbx_database_status.status_code_nmr_data            ? 
_pdbx_database_status.methods_development_category    ? 
# 
_audit_author.name           'Arnott, S.' 
_audit_author.pdbx_ordinal   1 
# 
loop_
_citation.id 
_citation.title 
_citation.journal_abbrev 
_citation.journal_volume 
_citation.page_first 
_citation.page_last 
_citation.year 
_citation.journal_id_ASTM 
_citation.country 
_citation.journal_id_ISSN 
_citation.journal_id_CSD 
_citation.book_publisher 
_citation.pdbx_database_id_PubMed 
_citation.pdbx_database_id_DOI 
primary 'Hyaluronic acid: molecular conformations and interactions in two sodium salts.' J.Mol.Biol.                95 359 384 
1975 JMOBAK UK 0022-2836 0070 ? 1152059 '10.1016/0022-2836(75)90196-5' 
1       
;Lals, a Linked-Atom Least-Squares Reciprocal-Space Refinement System Incorporating Stereochemical Restraints to Supplement Sparse Diffraction Data
;
'Acta Crystallogr.,Sect.A' 34 3   ?   1978 ACACEQ DK 0108-7673 0621 ? ?       ?                              
2       
;Hyaluronic Acid, Structure of a Fully Extended 3-Fold Helical Sodium Salt and Comparison with the Less Extended 4-Fold Helical Forms
;
J.Mol.Biol.                99 219 ?   1975 JMOBAK UK 0022-2836 0070 ? ?       ?                              
# 
loop_
_citation_author.citation_id 
_citation_author.name 
_citation_author.ordinal 
_citation_author.identifier_ORCID 
primary 'Guss, J.M.'    1  ? 
primary 'Hukins, D.W.'  2  ? 
primary 'Smith, P.J.'   3  ? 
primary 'Winter, W.T.'  4  ? 
primary 'Arnott, S.'    5  ? 
1       'Smith, P.J.C.' 6  ? 
1       'Arnott, S.'    7  ? 
2       'Winter, W.T.'  8  ? 
2       'Smith, P.J.C.' 9  ? 
2       'Arnott, S.'    10 ? 
# 
loop_
_entity.id 
_entity.type 
_entity.src_method 
_entity.pdbx_description 
_entity.formula_weight 
_entity.pdbx_number_of_molecules 
_entity.pdbx_ec 
_entity.pdbx_mutation 
_entity.pdbx_fragment 
_entity.details 
1 branched    man 
;2-acetamido-2-deoxy-beta-D-glucopyranose-(1-4)-beta-D-glucopyranuronic acid-(1-3)-2-acetamido-2-deoxy-beta-D-glucopyranose-(1-4)-beta-D-glucopyranuronic acid-(1-3)-2-acetamido-2-deoxy-beta-D-glucopyranose-(1-4)-beta-D-glucopyranuronic acid-(1-3)-2-acetamido-2-deoxy-beta-D-glucopyranose-(1-4)-alpha-D-glucopyranuronic acid
;
1535.282 1 ? ? ? ? 
2 non-polymer syn 'SODIUM ION' 22.990   4 ? ? ? ? 
3 water       nat water 18.015   8 ? ? ? ? 
# 
loop_
_pdbx_entity_nonpoly.entity_id 
_pdbx_entity_nonpoly.name 
_pdbx_entity_nonpoly.comp_id 
2 'SODIUM ION' NA  
3 water        HOH 
# 
_pdbx_entity_branch.entity_id   1 
_pdbx_entity_branch.type        oligosaccharide 
# 
loop_
_pdbx_entity_branch_descriptor.ordinal 
_pdbx_entity_branch_descriptor.entity_id 
_pdbx_entity_branch_descriptor.descriptor 
_pdbx_entity_branch_descriptor.type 
_pdbx_entity_branch_descriptor.program 
_pdbx_entity_branch_descriptor.program_version 
1 1 DGlcpNAcb1-4DGlcpAb1-3DGlcpNAcb1-4DGlcpAb1-3DGlcpNAcb1-4DGlcpAb1-3DGlcpNAcb1-4DGlcpAa1-ROH 'Glycam Condensed Sequence' GMML 
1.0   
2 1 
'WURCS=2.0/3,8,7/[a2122A-1a_1-5][a2122h-1b_1-5_2*NCC/3=O][a2122A-1b_1-5]/1-2-3-2-3-2-3-2/a4-b1_b3-c1_c4-d1_d3-e1_e4-f1_f3-g1_g4-h1' 
WURCS                       PDB2Glycan 1.1.0 
3 1 
;[][D-1-deoxy-GlcpA]{[(4+1)][b-D-GlcpNAc]{[(3+1)][b-D-GlcpA]{[(4+1)][b-D-GlcpNAc]{[(3+1)][b-D-GlcpA]{[(4+1)][b-D-GlcpNAc]{[(3+1)][b-D-GlcpA]{[(4+1)][b-D-GlcpNAc]{}}}}}}}}
;
LINUCS                      PDB-CARE   ?     
# 
loop_
_pdbx_entity_branch_link.link_id 
_pdbx_entity_branch_link.entity_id 
_pdbx_entity_branch_link.entity_branch_list_num_1 
_pdbx_entity_branch_link.comp_id_1 
_pdbx_entity_branch_link.atom_id_1 
_pdbx_entity_branch_link.leaving_atom_id_1 
_pdbx_entity_branch_link.entity_branch_list_num_2 
_pdbx_entity_branch_link.comp_id_2 
_pdbx_entity_branch_link.atom_id_2 
_pdbx_entity_branch_link.leaving_atom_id_2 
_pdbx_entity_branch_link.value_order 
_pdbx_entity_branch_link.details 
1 1 2 NAG C1 O1 1 GCU O4 HO4 sing ? 
2 1 3 BDP C1 O1 2 NAG O3 HO3 sing ? 
3 1 4 NAG C1 O1 3 BDP O4 HO4 sing ? 
4 1 5 BDP C1 O1 4 NAG O3 HO3 sing ? 
5 1 6 NAG C1 O1 5 BDP O4 HO4 sing ? 
6 1 7 BDP C1 O1 6 NAG O3 HO3 sing ? 
7 1 8 NAG C1 O1 7 BDP O4 HO4 sing ? 
# 
loop_
_chem_comp.id 
_chem_comp.type 
_chem_comp.mon_nstd_flag 
_chem_comp.name 
_chem_comp.pdbx_synonyms 
_chem_comp.formula 
_chem_comp.formula_weight 
BDP 'D-saccharide, beta linking'  . 'beta-D-glucopyranuronic acid'           
'beta-D-glucuronic acid; D-glucuronic acid; glucuronic acid' 'C6 H10 O7'   194.139 
GCU 'D-saccharide, alpha linking' . 'alpha-D-glucopyranuronic acid'          
'alpha-D-glucuronic acid; D-glucuronic acid; glucuronic acid' 'C6 H10 O7'   194.139 
HOH non-polymer                   . WATER                                    ? 'H2 O'        18.015  
NA  non-polymer                   . 'SODIUM ION'                             ? 'Na 1'        22.990  
NAG 'D-saccharide, beta linking'  . 2-acetamido-2-deoxy-beta-D-glucopyranose 
;N-acetyl-beta-D-glucosamine; 2-acetamido-2-deoxy-beta-D-glucose; 2-acetamido-2-deoxy-D-glucose; 2-acetamido-2-deoxy-glucose; N-ACETYL-D-GLUCOSAMINE
;
'C8 H15 N O6' 221.208 
# 
loop_
_pdbx_chem_comp_identifier.comp_id 
_pdbx_chem_comp_identifier.type 
_pdbx_chem_comp_identifier.program 
_pdbx_chem_comp_identifier.program_version 
_pdbx_chem_comp_identifier.identifier 
BDP 'CONDENSED IUPAC CARBOHYDRATE SYMBOL' GMML     1.0 DGlcpAb                        
BDP 'COMMON NAME'                         GMML     1.0 'b-D-glucopyranuronic acid'    
BDP 'IUPAC CARBOHYDRATE SYMBOL'           PDB-CARE 1.0 b-D-GlcpA                      
BDP 'SNFG CARBOHYDRATE SYMBOL'            GMML     1.0 GlcA                           
GCU 'CONDENSED IUPAC CARBOHYDRATE SYMBOL' GMML     1.0 DGlcpAa                        
GCU 'COMMON NAME'                         GMML     1.0 'a-D-glucopyranuronic acid'    
GCU 'IUPAC CARBOHYDRATE SYMBOL'           PDB-CARE 1.0 a-D-GlcpA                      
GCU 'SNFG CARBOHYDRATE SYMBOL'            GMML     1.0 GlcA                           
NAG 'CONDENSED IUPAC CARBOHYDRATE SYMBOL' GMML     1.0 DGlcpNAcb                      
NAG 'COMMON NAME'                         GMML     1.0 N-acetyl-b-D-glucopyranosamine 
NAG 'IUPAC CARBOHYDRATE SYMBOL'           PDB-CARE 1.0 b-D-GlcpNAc                    
NAG 'SNFG CARBOHYDRATE SYMBOL'            GMML     1.0 GlcNAc                         
# 
loop_
_pdbx_branch_scheme.asym_id 
_pdbx_branch_scheme.entity_id 
_pdbx_branch_scheme.mon_id 
_pdbx_branch_scheme.num 
_pdbx_branch_scheme.pdb_asym_id 
_pdbx_branch_scheme.pdb_mon_id 
_pdbx_branch_scheme.pdb_seq_num 
_pdbx_branch_scheme.auth_asym_id 
_pdbx_branch_scheme.auth_mon_id 
_pdbx_branch_scheme.auth_seq_num 
_pdbx_branch_scheme.hetero 
A 1 GCU 1 A GCU 1 A GCU 1 n 
A 1 NAG 2 A NAG 2 A NAG 2 n 
A 1 BDP 3 A BDP 3 A BDP 3 n 
A 1 NAG 4 A NAG 4 A NAG 4 n 
A 1 BDP 5 A BDP 5 A BDP 5 n 
A 1 NAG 6 A NAG 6 A NAG 6 n 
A 1 BDP 7 A BDP 7 A BDP 7 n 
A 1 NAG 8 A NAG 8 A NAG 8 n 
# 
loop_
_pdbx_nonpoly_scheme.asym_id 
_pdbx_nonpoly_scheme.entity_id 
_pdbx_nonpoly_scheme.mon_id 
_pdbx_nonpoly_scheme.ndb_seq_num 
_pdbx_nonpoly_scheme.pdb_seq_num 
_pdbx_nonpoly_scheme.auth_seq_num 
_pdbx_nonpoly_scheme.pdb_mon_id 
_pdbx_nonpoly_scheme.auth_mon_id 
_pdbx_nonpoly_scheme.pdb_strand_id 
_pdbx_nonpoly_scheme.pdb_ins_code 
B 2 NA  1 9  9  NA  NA  A . 
C 2 NA  1 10 10 NA  NA  A . 
D 2 NA  1 11 11 NA  NA  A . 
E 2 NA  1 12 12 NA  NA  A . 
F 3 HOH 1 13 13 HOH HOH A . 
F 3 HOH 2 14 14 HOH HOH A . 
F 3 HOH 3 15 15 HOH HOH A . 
F 3 HOH 4 16 16 HOH HOH A . 
F 3 HOH 5 17 17 HOH HOH A . 
F 3 HOH 6 18 18 HOH HOH A . 
F 3 HOH 7 19 19 HOH HOH A . 
F 3 HOH 8 20 20 HOH HOH A . 
# 
_pdbx_unobs_or_zero_occ_atoms.id               1 
_pdbx_unobs_or_zero_occ_atoms.PDB_model_num    1 
_pdbx_unobs_or_zero_occ_atoms.polymer_flag     N 
_pdbx_unobs_or_zero_occ_atoms.occupancy_flag   1 
_pdbx_unobs_or_zero_occ_atoms.auth_asym_id     A 
_pdbx_unobs_or_zero_occ_atoms.auth_comp_id     GCU 
_pdbx_unobs_or_zero_occ_atoms.auth_seq_id      1 
_pdbx_unobs_or_zero_occ_atoms.PDB_ins_code     ? 
_pdbx_unobs_or_zero_occ_atoms.auth_atom_id     O1 
_pdbx_unobs_or_zero_occ_atoms.label_alt_id     ? 
_pdbx_unobs_or_zero_occ_atoms.label_asym_id    A 
_pdbx_unobs_or_zero_occ_atoms.label_comp_id    GCU 
_pdbx_unobs_or_zero_occ_atoms.label_seq_id     1 
_pdbx_unobs_or_zero_occ_atoms.label_atom_id    O1 
# 
loop_
_software.name 
_software.classification 
_software.version 
_software.citation_id 
_software.pdbx_ordinal 
LINKED-ATOM refinement 'LEAST-SQUARES MODEL-BUILDING PROCEDURE' ? 1 
LALS        refinement .                                        ? 2 
# 
_cell.entry_id           3HYA 
_cell.length_a           11.530 
_cell.length_b           9.890 
_cell.length_c           33.860 
_cell.angle_alpha        90.00 
_cell.angle_beta         90.00 
_cell.angle_gamma        90.00 
_cell.Z_PDB              8 
_cell.pdbx_unique_axis   ? 
_cell.length_a_esd       ? 
_cell.length_b_esd       ? 
_cell.length_c_esd       ? 
_cell.angle_alpha_esd    ? 
_cell.angle_beta_esd     ? 
_cell.angle_gamma_esd    ? 
# 
_symmetry.entry_id                         3HYA 
_symmetry.space_group_name_H-M             'P 21 21 21' 
_symmetry.pdbx_full_space_group_name_H-M   ? 
_symmetry.cell_setting                     ? 
_symmetry.Int_Tables_number                19 
_symmetry.space_group_name_Hall            ? 
# 
_exptl.entry_id          3HYA 
_exptl.method            'FIBER DIFFRACTION' 
_exptl.crystals_number   ? 
# 
_exptl_crystal.id                    1 
_exptl_crystal.density_meas          ? 
_exptl_crystal.density_Matthews      ? 
_exptl_crystal.density_percent_sol   ? 
_exptl_crystal.description           ? 
_exptl_crystal.F_000                 ? 
_exptl_crystal.preparation           ? 
# 
_diffrn.id                     1 
_diffrn.ambient_temp           ? 
_diffrn.ambient_temp_details   ? 
_diffrn.crystal_id             1 
# 
_diffrn_radiation.diffrn_id                        1 
_diffrn_radiation.wavelength_id                    1 
_diffrn_radiation.monochromator                    ? 
_diffrn_radiation.pdbx_monochromatic_or_laue_m_l   ? 
_diffrn_radiation.pdbx_diffrn_protocol             ? 
_diffrn_radiation.pdbx_scattering_type             ? 
# 
_diffrn_radiation_wavelength.id           1 
_diffrn_radiation_wavelength.wavelength   . 
_diffrn_radiation_wavelength.wt           1.0 
# 
_refine.entry_id                                 3HYA 
_refine.ls_number_reflns_obs                     ? 
_refine.ls_number_reflns_all                     ? 
_refine.pdbx_ls_sigma_I                          ? 
_refine.pdbx_ls_sigma_F                          ? 
_refine.pdbx_data_cutoff_high_absF               ? 
_refine.pdbx_data_cutoff_low_absF                ? 
_refine.pdbx_data_cutoff_high_rms_absF           ? 
_refine.ls_d_res_low                             . 
_refine.ls_d_res_high                            3.0 
_refine.ls_percent_reflns_obs                    ? 
_refine.ls_R_factor_obs                          ? 
_refine.ls_R_factor_all                          ? 
_refine.ls_R_factor_R_work                       ? 
_refine.ls_R_factor_R_free                       ? 
_refine.ls_R_factor_R_free_error                 ? 
_refine.ls_R_factor_R_free_error_details         ? 
_refine.ls_percent_reflns_R_free                 ? 
_refine.ls_number_reflns_R_free                  ? 
_refine.ls_number_parameters                     ? 
_refine.ls_number_restraints                     ? 
_refine.occupancy_min                            ? 
_refine.occupancy_max                            ? 
_refine.B_iso_mean                               ? 
_refine.aniso_B[1][1]                            ? 
_refine.aniso_B[2][2]                            ? 
_refine.aniso_B[3][3]                            ? 
_refine.aniso_B[1][2]                            ? 
_refine.aniso_B[1][3]                            ? 
_refine.aniso_B[2][3]                            ? 
_refine.solvent_model_details                    ? 
_refine.solvent_model_param_ksol                 ? 
_refine.solvent_model_param_bsol                 ? 
_refine.pdbx_ls_cross_valid_method               ? 
_refine.details                                  
;THE SPACE GROUP USED FOR THIS ANALYSIS WAS P 21 21 21 IN A
NON STANDARD SETTING WITH THE 21 AXIS PARALLEL TO Z PASSING
THROUGH X=0,Y=0 AND THE 21 AXIS PARALLEL TO X IN THE Z=0
PLANE.
;
_refine.pdbx_starting_model                      ? 
_refine.pdbx_method_to_determine_struct          ? 
_refine.pdbx_isotropic_thermal_model             ? 
_refine.pdbx_stereochemistry_target_values       ? 
_refine.pdbx_stereochem_target_val_spec_case     ? 
_refine.pdbx_R_Free_selection_details            ? 
_refine.pdbx_overall_ESU_R_Free                  ? 
_refine.overall_SU_ML                            ? 
_refine.overall_SU_B                             ? 
_refine.pdbx_refine_id                           'FIBER DIFFRACTION' 
_refine.ls_redundancy_reflns_obs                 ? 
_refine.pdbx_overall_ESU_R                       ? 
_refine.pdbx_overall_phase_error                 ? 
_refine.B_iso_min                                ? 
_refine.B_iso_max                                ? 
_refine.correlation_coeff_Fo_to_Fc               ? 
_refine.correlation_coeff_Fo_to_Fc_free          ? 
_refine.pdbx_solvent_vdw_probe_radii             ? 
_refine.pdbx_solvent_ion_probe_radii             ? 
_refine.pdbx_solvent_shrinkage_radii             ? 
_refine.overall_SU_R_Cruickshank_DPI             ? 
_refine.overall_SU_R_free                        ? 
_refine.ls_wR_factor_R_free                      ? 
_refine.ls_wR_factor_R_work                      ? 
_refine.overall_FOM_free_R_set                   ? 
_refine.overall_FOM_work_R_set                   ? 
_refine.pdbx_diffrn_id                           1 
_refine.pdbx_TLS_residual_ADP_flag               ? 
_refine.pdbx_overall_SU_R_free_Cruickshank_DPI   ? 
_refine.pdbx_overall_SU_R_Blow_DPI               ? 
_refine.pdbx_overall_SU_R_free_Blow_DPI          ? 
# 
_refine_hist.pdbx_refine_id                   'FIBER DIFFRACTION' 
_refine_hist.cycle_id                         LAST 
_refine_hist.pdbx_number_atoms_protein        0 
_refine_hist.pdbx_number_atoms_nucleic_acid   0 
_refine_hist.pdbx_number_atoms_ligand         108 
_refine_hist.number_atoms_solvent             8 
_refine_hist.number_atoms_total               116 
_refine_hist.d_res_high                       3.0 
_refine_hist.d_res_low                        . 
# 
_struct.entry_id                  3HYA 
_struct.title                     'HYALURONIC ACID, MOLECULAR CONFORMATIONS AND INTERACTIONS IN TWO SODIUM SALTS' 
_struct.pdbx_model_details        ? 
_struct.pdbx_CASP_flag            ? 
_struct.pdbx_model_type_details   ? 
# 
_struct_keywords.entry_id        3HYA 
_struct_keywords.pdbx_keywords   'TEXTURE OF CONNECTIVE TISSUE' 
_struct_keywords.text            'TEXTURE OF CONNECTIVE TISSUE' 
# 
loop_
_struct_asym.id 
_struct_asym.pdbx_blank_PDB_chainid_flag 
_struct_asym.pdbx_modified 
_struct_asym.entity_id 
_struct_asym.details 
A N N 1 ? 
B N N 2 ? 
C N N 2 ? 
D N N 2 ? 
E N N 2 ? 
F N N 3 ? 
# 
_pdbx_struct_assembly.id                   1 
_pdbx_struct_assembly.details              author_defined_assembly 
_pdbx_struct_assembly.method_details       ? 
_pdbx_struct_assembly.oligomeric_details   ? 
_pdbx_struct_assembly.oligomeric_count     ? 
# 
_pdbx_struct_assembly_gen.assembly_id       1 
_pdbx_struct_assembly_gen.oper_expression   1 
_pdbx_struct_assembly_gen.asym_id_list      A,B,C,D,E,F 
# 
_pdbx_struct_oper_list.id                   1 
_pdbx_struct_oper_list.type                 'identity operation' 
_pdbx_struct_oper_list.name                 1_555 
_pdbx_struct_oper_list.symmetry_operation   x,y,z 
_pdbx_struct_oper_list.matrix[1][1]         1.0000000000 
_pdbx_struct_oper_list.matrix[1][2]         0.0000000000 
_pdbx_struct_oper_list.matrix[1][3]         0.0000000000 
_pdbx_struct_oper_list.vector[1]            0.0000000000 
_pdbx_struct_oper_list.matrix[2][1]         0.0000000000 
_pdbx_struct_oper_list.matrix[2][2]         1.0000000000 
_pdbx_struct_oper_list.matrix[2][3]         0.0000000000 
_pdbx_struct_oper_list.vector[2]            0.0000000000 
_pdbx_struct_oper_list.matrix[3][1]         0.0000000000 
_pdbx_struct_oper_list.matrix[3][2]         0.0000000000 
_pdbx_struct_oper_list.matrix[3][3]         1.0000000000 
_pdbx_struct_oper_list.vector[3]            0.0000000000 
# 
_struct_biol.id                    1 
_struct_biol.details               
;THE EIGHT-RESIDUE CHAIN SEGMENT GIVEN HERE WAS GENERATED
FROM THE PUBLISHED FOUR-RESIDUE SEGMENT BY APPLICATION OF
THE 21 SCREW AXIS AS DEFINED IN THE FOOTNOTE TO TABLE 8 OF
THE PAPER CITED IN THE JRNL RECORDS ABOVE.
;
_struct_biol.pdbx_parent_biol_id   ? 
# 
loop_
_struct_conn.id 
_struct_conn.conn_type_id 
_struct_conn.pdbx_leaving_atom_flag 
_struct_conn.pdbx_PDB_id 
_struct_conn.ptnr1_label_asym_id 
_struct_conn.ptnr1_label_comp_id 
_struct_conn.ptnr1_label_seq_id 
_struct_conn.ptnr1_label_atom_id 
_struct_conn.pdbx_ptnr1_label_alt_id 
_struct_conn.pdbx_ptnr1_PDB_ins_code 
_struct_conn.pdbx_ptnr1_standard_comp_id 
_struct_conn.ptnr1_symmetry 
_struct_conn.ptnr2_label_asym_id 
_struct_conn.ptnr2_label_comp_id 
_struct_conn.ptnr2_label_seq_id 
_struct_conn.ptnr2_label_atom_id 
_struct_conn.pdbx_ptnr2_label_alt_id 
_struct_conn.pdbx_ptnr2_PDB_ins_code 
_struct_conn.ptnr1_auth_asym_id 
_struct_conn.ptnr1_auth_comp_id 
_struct_conn.ptnr1_auth_seq_id 
_struct_conn.ptnr2_auth_asym_id 
_struct_conn.ptnr2_auth_comp_id 
_struct_conn.ptnr2_auth_seq_id 
_struct_conn.ptnr2_symmetry 
_struct_conn.pdbx_ptnr3_label_atom_id 
_struct_conn.pdbx_ptnr3_label_seq_id 
_struct_conn.pdbx_ptnr3_label_comp_id 
_struct_conn.pdbx_ptnr3_label_asym_id 
_struct_conn.pdbx_ptnr3_label_alt_id 
_struct_conn.pdbx_ptnr3_PDB_ins_code 
_struct_conn.details 
_struct_conn.pdbx_dist_value 
_struct_conn.pdbx_value_order 
_struct_conn.pdbx_role 
covale1  covale both ? A GCU . O4  ? ? ? 1_555 A NAG . C1 ? ? A GCU 1  A NAG 2  1_555 ? ? ? ? ? ? ? 1.389 ? ? 
covale2  covale both ? A NAG . O3  ? ? ? 1_555 A BDP . C1 ? ? A NAG 2  A BDP 3  1_555 ? ? ? ? ? ? ? 1.389 ? ? 
covale3  covale both ? A BDP . O4  ? ? ? 1_555 A NAG . C1 ? ? A BDP 3  A NAG 4  1_555 ? ? ? ? ? ? ? 1.389 ? ? 
covale4  covale both ? A NAG . O3  ? ? ? 1_555 A BDP . C1 ? ? A NAG 4  A BDP 5  1_555 ? ? ? ? ? ? ? 1.389 ? ? 
covale5  covale both ? A BDP . O4  ? ? ? 1_555 A NAG . C1 ? ? A BDP 5  A NAG 6  1_555 ? ? ? ? ? ? ? 1.389 ? ? 
covale6  covale both ? A NAG . O3  ? ? ? 1_555 A BDP . C1 ? ? A NAG 6  A BDP 7  1_555 ? ? ? ? ? ? ? 1.389 ? ? 
covale7  covale both ? A BDP . O4  ? ? ? 1_555 A NAG . C1 ? ? A BDP 7  A NAG 8  1_555 ? ? ? ? ? ? ? 1.389 ? ? 
metalc1  metalc ?    ? A GCU . O6A ? ? ? 1_555 B NA  . NA ? ? A GCU 1  A NA  9  1_555 ? ? ? ? ? ? ? 2.525 ? ? 
metalc2  metalc ?    ? A BDP . O6B ? ? ? 1_555 C NA  . NA ? ? A BDP 3  A NA  10 1_555 ? ? ? ? ? ? ? 2.539 ? ? 
metalc3  metalc ?    ? A BDP . O6A ? ? ? 1_555 D NA  . NA ? ? A BDP 5  A NA  11 1_555 ? ? ? ? ? ? ? 2.525 ? ? 
metalc4  metalc ?    ? A BDP . O6B ? ? ? 1_555 E NA  . NA ? ? A BDP 7  A NA  12 1_555 ? ? ? ? ? ? ? 2.539 ? ? 
metalc5  metalc ?    ? B NA  . NA  ? ? ? 1_555 F HOH . O  ? ? A NA  9  A HOH 15 1_555 ? ? ? ? ? ? ? 2.807 ? ? 
metalc6  metalc ?    ? C NA  . NA  ? ? ? 1_555 F HOH . O  ? ? A NA  10 A HOH 13 1_555 ? ? ? ? ? ? ? 2.548 ? ? 
metalc7  metalc ?    ? C NA  . NA  ? ? ? 1_555 F HOH . O  ? ? A NA  10 A HOH 14 1_555 ? ? ? ? ? ? ? 2.670 ? ? 
metalc8  metalc ?    ? D NA  . NA  ? ? ? 1_555 F HOH . O  ? ? A NA  11 A HOH 19 1_555 ? ? ? ? ? ? ? 2.807 ? ? 
metalc9  metalc ?    ? E NA  . NA  ? ? ? 1_555 F HOH . O  ? ? A NA  12 A HOH 17 1_555 ? ? ? ? ? ? ? 2.548 ? ? 
metalc10 metalc ?    ? E NA  . NA  ? ? ? 1_555 F HOH . O  ? ? A NA  12 A HOH 18 1_555 ? ? ? ? ? ? ? 2.670 ? ? 
# 
loop_
_struct_conn_type.id 
_struct_conn_type.criteria 
_struct_conn_type.reference 
covale ? ? 
metalc ? ? 
# 
loop_
_pdbx_struct_conn_angle.id 
_pdbx_struct_conn_angle.ptnr1_label_atom_id 
_pdbx_struct_conn_angle.ptnr1_label_alt_id 
_pdbx_struct_conn_angle.ptnr1_label_asym_id 
_pdbx_struct_conn_angle.ptnr1_label_comp_id 
_pdbx_struct_conn_angle.ptnr1_label_seq_id 
_pdbx_struct_conn_angle.ptnr1_auth_atom_id 
_pdbx_struct_conn_angle.ptnr1_auth_asym_id 
_pdbx_struct_conn_angle.ptnr1_auth_comp_id 
_pdbx_struct_conn_angle.ptnr1_auth_seq_id 
_pdbx_struct_conn_angle.ptnr1_PDB_ins_code 
_pdbx_struct_conn_angle.ptnr1_symmetry 
_pdbx_struct_conn_angle.ptnr2_label_atom_id 
_pdbx_struct_conn_angle.ptnr2_label_alt_id 
_pdbx_struct_conn_angle.ptnr2_label_asym_id 
_pdbx_struct_conn_angle.ptnr2_label_comp_id 
_pdbx_struct_conn_angle.ptnr2_label_seq_id 
_pdbx_struct_conn_angle.ptnr2_auth_atom_id 
_pdbx_struct_conn_angle.ptnr2_auth_asym_id 
_pdbx_struct_conn_angle.ptnr2_auth_comp_id 
_pdbx_struct_conn_angle.ptnr2_auth_seq_id 
_pdbx_struct_conn_angle.ptnr2_PDB_ins_code 
_pdbx_struct_conn_angle.ptnr2_symmetry 
_pdbx_struct_conn_angle.ptnr3_label_atom_id 
_pdbx_struct_conn_angle.ptnr3_label_alt_id 
_pdbx_struct_conn_angle.ptnr3_label_asym_id 
_pdbx_struct_conn_angle.ptnr3_label_comp_id 
_pdbx_struct_conn_angle.ptnr3_label_seq_id 
_pdbx_struct_conn_angle.ptnr3_auth_atom_id 
_pdbx_struct_conn_angle.ptnr3_auth_asym_id 
_pdbx_struct_conn_angle.ptnr3_auth_comp_id 
_pdbx_struct_conn_angle.ptnr3_auth_seq_id 
_pdbx_struct_conn_angle.ptnr3_PDB_ins_code 
_pdbx_struct_conn_angle.ptnr3_symmetry 
_pdbx_struct_conn_angle.value 
_pdbx_struct_conn_angle.value_esd 
1 O6A ? A GCU . ? A GCU 1  ? 1_555 NA ? B NA . ? A NA 9  ? 1_555 O ? F HOH . ? A HOH 15 ? 1_555 131.6 ? 
2 O6B ? A BDP . ? A BDP 3  ? 1_555 NA ? C NA . ? A NA 10 ? 1_555 O ? F HOH . ? A HOH 13 ? 1_555 67.0  ? 
3 O6B ? A BDP . ? A BDP 3  ? 1_555 NA ? C NA . ? A NA 10 ? 1_555 O ? F HOH . ? A HOH 14 ? 1_555 126.5 ? 
4 O   ? F HOH . ? A HOH 13 ? 1_555 NA ? C NA . ? A NA 10 ? 1_555 O ? F HOH . ? A HOH 14 ? 1_555 165.6 ? 
5 O6A ? A BDP . ? A BDP 5  ? 1_555 NA ? D NA . ? A NA 11 ? 1_555 O ? F HOH . ? A HOH 19 ? 1_555 131.6 ? 
6 O6B ? A BDP . ? A BDP 7  ? 1_555 NA ? E NA . ? A NA 12 ? 1_555 O ? F HOH . ? A HOH 17 ? 1_555 67.0  ? 
7 O6B ? A BDP . ? A BDP 7  ? 1_555 NA ? E NA . ? A NA 12 ? 1_555 O ? F HOH . ? A HOH 18 ? 1_555 126.5 ? 
8 O   ? F HOH . ? A HOH 17 ? 1_555 NA ? E NA . ? A NA 12 ? 1_555 O ? F HOH . ? A HOH 18 ? 1_555 165.6 ? 
# 
loop_
_pdbx_validate_symm_contact.id 
_pdbx_validate_symm_contact.PDB_model_num 
_pdbx_validate_symm_contact.auth_atom_id_1 
_pdbx_validate_symm_contact.auth_asym_id_1 
_pdbx_validate_symm_contact.auth_comp_id_1 
_pdbx_validate_symm_contact.auth_seq_id_1 
_pdbx_validate_symm_contact.PDB_ins_code_1 
_pdbx_validate_symm_contact.label_alt_id_1 
_pdbx_validate_symm_contact.site_symmetry_1 
_pdbx_validate_symm_contact.auth_atom_id_2 
_pdbx_validate_symm_contact.auth_asym_id_2 
_pdbx_validate_symm_contact.auth_comp_id_2 
_pdbx_validate_symm_contact.auth_seq_id_2 
_pdbx_validate_symm_contact.PDB_ins_code_2 
_pdbx_validate_symm_contact.label_alt_id_2 
_pdbx_validate_symm_contact.site_symmetry_2 
_pdbx_validate_symm_contact.dist 
1   1 C5  A GCU 1 ? ? 1_555 H82 A NAG 4  ? ? 3_545 0.28 
2   1 C5  A BDP 5 ? ? 1_555 H82 A NAG 8  ? ? 3_556 0.28 
3   1 O2  A GCU 1 ? ? 1_555 C2  A NAG 4  ? ? 3_545 0.46 
4   1 O2  A BDP 5 ? ? 1_555 C2  A NAG 8  ? ? 3_556 0.46 
5   1 C1  A BDP 5 ? ? 1_555 C7  A NAG 8  ? ? 3_556 0.50 
6   1 C1  A GCU 1 ? ? 1_555 C7  A NAG 4  ? ? 3_545 0.50 
7   1 C6  A NAG 4 ? ? 1_555 C6  A NAG 8  ? ? 3_546 0.53 
8   1 O4  A NAG 4 ? ? 1_555 NA  A NA  9  ? ? 2_455 0.57 
9   1 O4  A NAG 8 ? ? 1_555 NA  A NA  11 ? ? 2_555 0.57 
10  1 H5  A NAG 4 ? ? 1_555 H5  A NAG 8  ? ? 3_546 0.61 
11  1 H3  A BDP 5 ? ? 1_555 O6A A BDP 7  ? ? 3_556 0.76 
12  1 H3  A GCU 1 ? ? 1_555 O6A A BDP 3  ? ? 3_545 0.76 
13  1 O5  A BDP 3 ? ? 1_555 O   A HOH 18 ? ? 2_454 0.81 
14  1 O5  A BDP 7 ? ? 1_555 O   A HOH 14 ? ? 2_555 0.81 
15  1 H5  A BDP 5 ? ? 1_555 H82 A NAG 8  ? ? 3_556 0.83 
16  1 H5  A GCU 1 ? ? 1_555 H82 A NAG 4  ? ? 3_545 0.83 
17  1 C2  A NAG 2 ? ? 1_555 O   A HOH 13 ? ? 3_545 0.89 
18  1 C2  A NAG 6 ? ? 1_555 O   A HOH 17 ? ? 3_556 0.89 
19  1 O5  A GCU 1 ? ? 1_555 C8  A NAG 4  ? ? 3_545 0.89 
20  1 O5  A BDP 5 ? ? 1_555 C8  A NAG 8  ? ? 3_556 0.89 
21  1 H62 A NAG 4 ? ? 1_555 H62 A NAG 8  ? ? 3_546 0.90 
22  1 H3  A NAG 8 ? ? 1_555 O   A HOH 19 ? ? 2_555 0.91 
23  1 H3  A NAG 4 ? ? 1_555 O   A HOH 15 ? ? 2_455 0.91 
24  1 H62 A NAG 4 ? ? 1_555 C6  A NAG 8  ? ? 3_546 0.94 
25  1 C6  A NAG 4 ? ? 1_555 H62 A NAG 8  ? ? 3_546 0.94 
26  1 O5  A GCU 1 ? ? 1_555 C7  A NAG 4  ? ? 3_545 0.95 
27  1 O5  A BDP 5 ? ? 1_555 C7  A NAG 8  ? ? 3_556 0.95 
28  1 C4  A NAG 4 ? ? 1_555 O6  A NAG 8  ? ? 3_546 0.97 
29  1 O6  A NAG 4 ? ? 1_555 C4  A NAG 8  ? ? 3_546 0.97 
30  1 H2  A NAG 2 ? ? 1_555 O   A HOH 13 ? ? 3_545 0.97 
31  1 H2  A NAG 6 ? ? 1_555 O   A HOH 17 ? ? 3_556 0.97 
32  1 O7  A NAG 2 ? ? 1_555 O5  A NAG 6  ? ? 2_454 0.98 
33  1 O5  A NAG 2 ? ? 1_555 O7  A NAG 6  ? ? 2_554 0.98 
34  1 H61 A NAG 4 ? ? 1_555 H62 A NAG 8  ? ? 3_546 1.00 
35  1 H62 A NAG 4 ? ? 1_555 H61 A NAG 8  ? ? 3_546 1.00 
36  1 H1  A NAG 2 ? ? 1_555 H81 A NAG 6  ? ? 2_554 1.02 
37  1 H81 A NAG 2 ? ? 1_555 H1  A NAG 6  ? ? 2_454 1.02 
38  1 C1  A BDP 5 ? ? 1_555 N2  A NAG 8  ? ? 3_556 1.02 
39  1 C1  A GCU 1 ? ? 1_555 N2  A NAG 4  ? ? 3_545 1.02 
40  1 C2  A GCU 1 ? ? 1_555 N2  A NAG 4  ? ? 3_545 1.06 
41  1 C2  A BDP 5 ? ? 1_555 N2  A NAG 8  ? ? 3_556 1.06 
42  1 O2  A BDP 5 ? ? 1_555 C1  A NAG 8  ? ? 3_556 1.07 
43  1 O2  A GCU 1 ? ? 1_555 C1  A NAG 4  ? ? 3_545 1.07 
44  1 C5  A NAG 4 ? ? 1_555 O6  A NAG 8  ? ? 3_546 1.07 
45  1 O6  A NAG 4 ? ? 1_555 C5  A NAG 8  ? ? 3_546 1.07 
46  1 C5  A GCU 1 ? ? 1_555 C8  A NAG 4  ? ? 3_545 1.08 
47  1 C5  A BDP 5 ? ? 1_555 C8  A NAG 8  ? ? 3_556 1.08 
48  1 O3  A NAG 4 ? ? 1_555 O7  A NAG 8  ? ? 3_556 1.08 
49  1 O7  A NAG 4 ? ? 1_555 O3  A NAG 8  ? ? 3_556 1.08 
50  1 O4  A NAG 2 ? ? 1_555 O2  A BDP 7  ? ? 2_554 1.09 
51  1 O2  A BDP 3 ? ? 1_555 O4  A NAG 6  ? ? 2_454 1.09 
52  1 H62 A NAG 2 ? ? 1_555 H1  A BDP 3  ? ? 3_545 1.11 
53  1 H62 A NAG 6 ? ? 1_555 H1  A BDP 7  ? ? 3_556 1.11 
54  1 C1  A BDP 7 ? ? 1_555 O   A HOH 14 ? ? 2_555 1.12 
55  1 C1  A BDP 3 ? ? 1_555 O   A HOH 18 ? ? 2_454 1.12 
56  1 O6  A NAG 4 ? ? 1_555 H4  A NAG 8  ? ? 3_546 1.12 
57  1 H4  A NAG 4 ? ? 1_555 O6  A NAG 8  ? ? 3_546 1.12 
58  1 H1  A BDP 5 ? ? 1_555 N2  A NAG 8  ? ? 3_556 1.16 
59  1 H1  A GCU 1 ? ? 1_555 N2  A NAG 4  ? ? 3_545 1.16 
60  1 O2  A BDP 3 ? ? 1_555 C4  A NAG 6  ? ? 2_454 1.18 
61  1 C4  A NAG 2 ? ? 1_555 O2  A BDP 7  ? ? 2_554 1.18 
62  1 O3  A NAG 2 ? ? 1_555 O6  A NAG 6  ? ? 2_454 1.20 
63  1 O6  A NAG 2 ? ? 1_555 O3  A NAG 6  ? ? 2_554 1.20 
64  1 C1  A NAG 2 ? ? 1_555 O   A HOH 13 ? ? 3_545 1.23 
65  1 C1  A NAG 6 ? ? 1_555 O   A HOH 17 ? ? 3_556 1.23 
66  1 C6  A NAG 4 ? ? 1_555 C5  A NAG 8  ? ? 3_546 1.25 
67  1 C5  A NAG 4 ? ? 1_555 C6  A NAG 8  ? ? 3_546 1.25 
68  1 O5  A BDP 5 ? ? 1_555 H83 A NAG 8  ? ? 3_556 1.25 
69  1 O5  A GCU 1 ? ? 1_555 H83 A NAG 4  ? ? 3_545 1.25 
70  1 H3  A GCU 1 ? ? 1_555 HN2 A NAG 4  ? ? 3_545 1.27 
71  1 H3  A BDP 5 ? ? 1_555 HN2 A NAG 8  ? ? 3_556 1.27 
72  1 O2  A BDP 5 ? ? 1_555 H2  A NAG 8  ? ? 3_556 1.28 
73  1 O2  A GCU 1 ? ? 1_555 H2  A NAG 4  ? ? 3_545 1.28 
74  1 O6B A BDP 3 ? ? 1_555 H3  A BDP 7  ? ? 2_554 1.29 
75  1 H3  A BDP 3 ? ? 1_555 O6B A BDP 7  ? ? 2_454 1.29 
76  1 O3  A GCU 1 ? ? 1_555 O4  A BDP 3  ? ? 3_545 1.32 
77  1 O3  A BDP 5 ? ? 1_555 O4  A BDP 7  ? ? 3_556 1.32 
78  1 H61 A NAG 6 ? ? 1_555 H83 A NAG 6  ? ? 3_556 1.33 
79  1 H61 A NAG 2 ? ? 1_555 H83 A NAG 2  ? ? 3_545 1.33 
80  1 H5  A GCU 1 ? ? 1_555 C8  A NAG 4  ? ? 3_545 1.34 
81  1 H5  A BDP 5 ? ? 1_555 C8  A NAG 8  ? ? 3_556 1.34 
82  1 C2  A GCU 1 ? ? 1_555 C2  A NAG 4  ? ? 3_545 1.35 
83  1 C2  A BDP 5 ? ? 1_555 C2  A NAG 8  ? ? 3_556 1.35 
84  1 H3  A BDP 3 ? ? 1_555 NA  A NA  12 ? ? 2_454 1.35 
85  1 H3  A BDP 7 ? ? 1_555 NA  A NA  10 ? ? 2_555 1.35 
86  1 O3  A BDP 5 ? ? 1_555 C5  A BDP 7  ? ? 3_556 1.36 
87  1 O3  A GCU 1 ? ? 1_555 C5  A BDP 3  ? ? 3_545 1.36 
88  1 O3  A BDP 7 ? ? 1_555 O   A HOH 20 ? ? 3_556 1.37 
89  1 O3  A BDP 3 ? ? 1_555 O   A HOH 16 ? ? 3_545 1.37 
90  1 O3  A BDP 5 ? ? 1_555 H5  A BDP 7  ? ? 3_556 1.37 
91  1 O3  A GCU 1 ? ? 1_555 H5  A BDP 3  ? ? 3_545 1.37 
92  1 H1  A NAG 2 ? ? 1_555 C8  A NAG 6  ? ? 2_554 1.38 
93  1 C8  A NAG 2 ? ? 1_555 H1  A NAG 6  ? ? 2_454 1.38 
94  1 C1  A GCU 1 ? ? 1_555 O3  A NAG 8  ? ? 1_554 1.39 
95  1 C1  A BDP 5 ? ? 1_555 O7  A NAG 8  ? ? 3_556 1.40 
96  1 C1  A GCU 1 ? ? 1_555 O7  A NAG 4  ? ? 3_545 1.40 
97  1 H1  A BDP 5 ? ? 1_555 C7  A NAG 8  ? ? 3_556 1.43 
98  1 H1  A GCU 1 ? ? 1_555 C7  A NAG 4  ? ? 3_545 1.43 
99  1 O3  A GCU 1 ? ? 1_555 C4  A BDP 3  ? ? 3_545 1.44 
100 1 O3  A BDP 5 ? ? 1_555 C4  A BDP 7  ? ? 3_556 1.44 
101 1 H5  A NAG 4 ? ? 1_555 C5  A NAG 8  ? ? 3_546 1.45 
102 1 C5  A NAG 4 ? ? 1_555 H5  A NAG 8  ? ? 3_546 1.45 
103 1 H82 A NAG 2 ? ? 1_555 O6B A BDP 5  ? ? 2_454 1.46 
104 1 O6B A GCU 1 ? ? 1_555 H82 A NAG 6  ? ? 2_554 1.46 
105 1 H61 A NAG 4 ? ? 1_555 C6  A NAG 8  ? ? 3_546 1.46 
106 1 C6  A NAG 4 ? ? 1_555 H61 A NAG 8  ? ? 3_546 1.46 
107 1 C5  A NAG 2 ? ? 1_555 O7  A NAG 6  ? ? 2_554 1.50 
108 1 O7  A NAG 2 ? ? 1_555 C5  A NAG 6  ? ? 2_454 1.50 
109 1 C2  A GCU 1 ? ? 1_555 H2  A NAG 4  ? ? 3_545 1.53 
110 1 C2  A BDP 5 ? ? 1_555 H2  A NAG 8  ? ? 3_556 1.53 
111 1 O2  A BDP 3 ? ? 1_555 C5  A NAG 6  ? ? 2_454 1.56 
112 1 C5  A NAG 2 ? ? 1_555 O2  A BDP 7  ? ? 2_554 1.56 
113 1 H1  A BDP 7 ? ? 1_555 NA  A NA  10 ? ? 2_555 1.56 
114 1 H1  A BDP 3 ? ? 1_555 NA  A NA  12 ? ? 2_454 1.56 
115 1 O2  A BDP 3 ? ? 1_555 H5  A NAG 6  ? ? 2_454 1.56 
116 1 H5  A NAG 2 ? ? 1_555 O2  A BDP 7  ? ? 2_554 1.56 
117 1 C7  A NAG 4 ? ? 1_555 O3  A NAG 8  ? ? 3_556 1.56 
118 1 O3  A NAG 4 ? ? 1_555 C7  A NAG 8  ? ? 3_556 1.56 
119 1 C3  A BDP 7 ? ? 1_555 O   A HOH 20 ? ? 3_556 1.58 
120 1 C3  A BDP 3 ? ? 1_555 O   A HOH 16 ? ? 3_545 1.58 
121 1 C6  A GCU 1 ? ? 1_555 H82 A NAG 4  ? ? 3_545 1.58 
122 1 C6  A BDP 5 ? ? 1_555 H82 A NAG 8  ? ? 3_556 1.58 
123 1 C5  A NAG 4 ? ? 1_555 C5  A NAG 8  ? ? 3_546 1.59 
124 1 O5  A GCU 1 ? ? 1_555 O7  A NAG 4  ? ? 3_545 1.60 
125 1 O5  A BDP 5 ? ? 1_555 O7  A NAG 8  ? ? 3_556 1.60 
126 1 O6B A BDP 3 ? ? 1_555 C3  A BDP 7  ? ? 2_554 1.64 
127 1 C3  A BDP 3 ? ? 1_555 O6B A BDP 7  ? ? 2_454 1.64 
128 1 C3  A GCU 1 ? ? 1_555 O6A A BDP 3  ? ? 3_545 1.65 
129 1 C3  A BDP 5 ? ? 1_555 O6A A BDP 7  ? ? 3_556 1.65 
130 1 O6  A NAG 2 ? ? 1_555 C3  A NAG 6  ? ? 2_554 1.67 
131 1 C3  A NAG 2 ? ? 1_555 O6  A NAG 6  ? ? 2_454 1.67 
132 1 O3  A BDP 3 ? ? 1_555 O6B A BDP 7  ? ? 2_454 1.68 
133 1 O6B A BDP 3 ? ? 1_555 O3  A BDP 7  ? ? 2_554 1.68 
134 1 C3  A NAG 4 ? ? 1_555 O   A HOH 15 ? ? 2_455 1.68 
135 1 C3  A NAG 8 ? ? 1_555 O   A HOH 19 ? ? 2_555 1.68 
136 1 O3  A NAG 6 ? ? 1_555 O   A HOH 14 ? ? 2_555 1.69 
137 1 O3  A NAG 2 ? ? 1_555 O   A HOH 18 ? ? 2_454 1.69 
138 1 O4  A BDP 5 ? ? 1_555 O   A HOH 17 ? ? 3_556 1.69 
139 1 O4  A GCU 1 ? ? 1_555 O   A HOH 13 ? ? 3_545 1.69 
140 1 C2  A GCU 1 ? ? 1_555 C7  A NAG 4  ? ? 3_545 1.70 
141 1 C2  A BDP 5 ? ? 1_555 C7  A NAG 8  ? ? 3_556 1.70 
142 1 C2  A BDP 3 ? ? 1_555 O4  A NAG 6  ? ? 2_454 1.70 
143 1 O4  A NAG 2 ? ? 1_555 C2  A BDP 7  ? ? 2_554 1.70 
144 1 O2  A BDP 5 ? ? 1_555 N2  A NAG 8  ? ? 3_556 1.71 
145 1 O2  A GCU 1 ? ? 1_555 N2  A NAG 4  ? ? 3_545 1.71 
146 1 O7  A NAG 2 ? ? 1_555 C1  A NAG 6  ? ? 2_454 1.76 
147 1 C1  A NAG 2 ? ? 1_555 O7  A NAG 6  ? ? 2_554 1.76 
148 1 O2  A GCU 1 ? ? 1_555 C3  A NAG 4  ? ? 3_545 1.77 
149 1 O2  A BDP 5 ? ? 1_555 C3  A NAG 8  ? ? 3_556 1.77 
150 1 C6  A NAG 4 ? ? 1_555 O6  A NAG 8  ? ? 3_546 1.80 
151 1 O6  A NAG 4 ? ? 1_555 C6  A NAG 8  ? ? 3_546 1.80 
152 1 C3  A GCU 1 ? ? 1_555 N2  A NAG 4  ? ? 3_545 1.83 
153 1 C3  A BDP 5 ? ? 1_555 N2  A NAG 8  ? ? 3_556 1.83 
154 1 O5  A NAG 4 ? ? 1_555 O6  A NAG 8  ? ? 3_546 1.83 
155 1 O6  A NAG 4 ? ? 1_555 O5  A NAG 8  ? ? 3_546 1.83 
156 1 C1  A BDP 5 ? ? 1_555 C8  A NAG 8  ? ? 3_556 1.86 
157 1 C1  A GCU 1 ? ? 1_555 C8  A NAG 4  ? ? 3_545 1.86 
158 1 C3  A NAG 4 ? ? 1_555 O7  A NAG 8  ? ? 3_556 1.86 
159 1 O7  A NAG 4 ? ? 1_555 C3  A NAG 8  ? ? 3_556 1.86 
160 1 O3  A NAG 2 ? ? 1_555 C6  A NAG 6  ? ? 2_454 1.87 
161 1 C6  A NAG 2 ? ? 1_555 O3  A NAG 6  ? ? 2_554 1.87 
162 1 O5  A NAG 4 ? ? 1_555 C6  A NAG 8  ? ? 3_546 1.93 
163 1 C6  A NAG 4 ? ? 1_555 O5  A NAG 8  ? ? 3_546 1.93 
164 1 O2  A BDP 5 ? ? 1_555 O4  A BDP 7  ? ? 3_556 1.97 
165 1 O2  A GCU 1 ? ? 1_555 O4  A BDP 3  ? ? 3_545 1.97 
166 1 C2  A BDP 7 ? ? 1_555 O   A HOH 20 ? ? 3_556 1.98 
167 1 C2  A BDP 3 ? ? 1_555 O   A HOH 16 ? ? 3_545 1.98 
168 1 N2  A NAG 2 ? ? 1_555 O   A HOH 13 ? ? 3_545 1.98 
169 1 N2  A NAG 6 ? ? 1_555 O   A HOH 17 ? ? 3_556 1.98 
170 1 C3  A GCU 1 ? ? 1_555 O4  A BDP 3  ? ? 3_545 1.98 
171 1 C3  A BDP 5 ? ? 1_555 O4  A BDP 7  ? ? 3_556 1.98 
172 1 C3  A NAG 6 ? ? 1_555 O   A HOH 14 ? ? 2_555 1.99 
173 1 C3  A NAG 2 ? ? 1_555 O   A HOH 18 ? ? 2_454 1.99 
174 1 C6  A GCU 1 ? ? 1_555 C8  A NAG 4  ? ? 3_545 2.01 
175 1 C6  A BDP 5 ? ? 1_555 C8  A NAG 8  ? ? 3_556 2.01 
176 1 C4  A BDP 3 ? ? 1_555 O   A HOH 16 ? ? 3_545 2.01 
177 1 C4  A BDP 7 ? ? 1_555 O   A HOH 20 ? ? 3_556 2.01 
178 1 O3  A GCU 1 ? ? 1_555 C6  A BDP 3  ? ? 3_545 2.01 
179 1 O3  A BDP 5 ? ? 1_555 C6  A BDP 7  ? ? 3_556 2.01 
180 1 O5  A NAG 2 ? ? 1_555 O   A HOH 13 ? ? 3_545 2.02 
181 1 O5  A NAG 6 ? ? 1_555 O   A HOH 17 ? ? 3_556 2.02 
182 1 C5  A GCU 1 ? ? 1_555 C7  A NAG 4  ? ? 3_545 2.03 
183 1 C5  A BDP 5 ? ? 1_555 C7  A NAG 8  ? ? 3_556 2.03 
184 1 O2  A BDP 5 ? ? 1_555 O5  A NAG 8  ? ? 3_556 2.03 
185 1 O2  A GCU 1 ? ? 1_555 O5  A NAG 4  ? ? 3_545 2.03 
186 1 C1  A GCU 1 ? ? 1_555 C2  A NAG 4  ? ? 3_545 2.06 
187 1 C1  A BDP 5 ? ? 1_555 C2  A NAG 8  ? ? 3_556 2.06 
188 1 C4  A NAG 8 ? ? 1_555 O   A HOH 19 ? ? 2_555 2.07 
189 1 C4  A NAG 4 ? ? 1_555 O   A HOH 15 ? ? 2_455 2.07 
190 1 C2  A GCU 1 ? ? 1_555 C1  A NAG 4  ? ? 3_545 2.07 
191 1 C2  A BDP 5 ? ? 1_555 C1  A NAG 8  ? ? 3_556 2.07 
192 1 C2  A BDP 5 ? ? 1_555 O4  A BDP 7  ? ? 3_556 2.07 
193 1 C2  A GCU 1 ? ? 1_555 O4  A BDP 3  ? ? 3_545 2.07 
194 1 O2  A BDP 3 ? ? 1_555 C3  A NAG 6  ? ? 2_454 2.08 
195 1 C3  A NAG 2 ? ? 1_555 O2  A BDP 7  ? ? 2_554 2.08 
196 1 O3  A NAG 4 ? ? 1_555 O3  A NAG 8  ? ? 3_556 2.09 
197 1 O5  A NAG 2 ? ? 1_555 C7  A NAG 6  ? ? 2_554 2.09 
198 1 C7  A NAG 2 ? ? 1_555 O5  A NAG 6  ? ? 2_454 2.09 
199 1 O3  A GCU 1 ? ? 1_555 O6A A BDP 3  ? ? 3_545 2.09 
200 1 O3  A BDP 5 ? ? 1_555 O6A A BDP 7  ? ? 3_556 2.09 
201 1 C5  A BDP 3 ? ? 1_555 O   A HOH 18 ? ? 2_454 2.09 
202 1 C5  A BDP 7 ? ? 1_555 O   A HOH 14 ? ? 2_555 2.09 
203 1 O4  A NAG 4 ? ? 1_555 O6  A NAG 8  ? ? 3_546 2.09 
204 1 O6  A NAG 4 ? ? 1_555 O4  A NAG 8  ? ? 3_546 2.09 
205 1 C8  A NAG 2 ? ? 1_555 O6B A BDP 5  ? ? 2_454 2.12 
206 1 O6B A GCU 1 ? ? 1_555 C8  A NAG 6  ? ? 2_554 2.12 
207 1 O6  A NAG 2 ? ? 1_555 C2  A NAG 6  ? ? 2_554 2.15 
208 1 C2  A NAG 2 ? ? 1_555 O6  A NAG 6  ? ? 2_454 2.15 
209 1 N2  A NAG 4 ? ? 1_555 O3  A NAG 8  ? ? 3_556 2.16 
210 1 O3  A NAG 4 ? ? 1_555 N2  A NAG 8  ? ? 3_556 2.16 
211 1 C4  A NAG 2 ? ? 1_555 O6  A NAG 6  ? ? 2_454 2.17 
212 1 O6  A NAG 2 ? ? 1_555 C4  A NAG 6  ? ? 2_554 2.17 
213 1 O5  A GCU 1 ? ? 1_555 N2  A NAG 4  ? ? 3_545 2.18 
214 1 O5  A BDP 5 ? ? 1_555 N2  A NAG 8  ? ? 3_556 2.18 
215 1 C3  A BDP 5 ? ? 1_555 C6  A BDP 7  ? ? 3_556 2.19 
216 1 C3  A GCU 1 ? ? 1_555 C6  A BDP 3  ? ? 3_545 2.19 
217 1 C8  A NAG 2 ? ? 1_555 C6  A BDP 5  ? ? 2_454 2.19 
218 1 C6  A GCU 1 ? ? 1_555 C8  A NAG 6  ? ? 2_554 2.19 
# 
loop_
_chem_comp_atom.comp_id 
_chem_comp_atom.atom_id 
_chem_comp_atom.type_symbol 
_chem_comp_atom.pdbx_aromatic_flag 
_chem_comp_atom.pdbx_stereo_config 
_chem_comp_atom.pdbx_ordinal 
BDP C1   C  N R 1  
BDP C2   C  N R 2  
BDP C3   C  N S 3  
BDP C4   C  N S 4  
BDP C5   C  N S 5  
BDP C6   C  N N 6  
BDP O2   O  N N 7  
BDP O3   O  N N 8  
BDP O4   O  N N 9  
BDP O5   O  N N 10 
BDP O6A  O  N N 11 
BDP O1   O  N N 12 
BDP O6B  O  N N 13 
BDP H1   H  N N 14 
BDP H2   H  N N 15 
BDP H3   H  N N 16 
BDP H4   H  N N 17 
BDP H5   H  N N 18 
BDP HO2  H  N N 19 
BDP HO3  H  N N 20 
BDP HO4  H  N N 21 
BDP HO1  H  N N 22 
BDP HO6B H  N N 23 
GCU C1   C  N S 24 
GCU C2   C  N R 25 
GCU C3   C  N S 26 
GCU C4   C  N S 27 
GCU C5   C  N S 28 
GCU C6   C  N N 29 
GCU O1   O  N N 30 
GCU O2   O  N N 31 
GCU O3   O  N N 32 
GCU O4   O  N N 33 
GCU O5   O  N N 34 
GCU O6A  O  N N 35 
GCU O6B  O  N N 36 
GCU H1   H  N N 37 
GCU H2   H  N N 38 
GCU H3   H  N N 39 
GCU H4   H  N N 40 
GCU H5   H  N N 41 
GCU HO1  H  N N 42 
GCU HO2  H  N N 43 
GCU HO3  H  N N 44 
GCU HO4  H  N N 45 
GCU HO6B H  N N 46 
HOH O    O  N N 47 
HOH H1   H  N N 48 
HOH H2   H  N N 49 
NA  NA   NA N N 50 
NAG C1   C  N R 51 
NAG C2   C  N R 52 
NAG C3   C  N R 53 
NAG C4   C  N S 54 
NAG C5   C  N R 55 
NAG C6   C  N N 56 
NAG C7   C  N N 57 
NAG C8   C  N N 58 
NAG N2   N  N N 59 
NAG O1   O  N N 60 
NAG O3   O  N N 61 
NAG O4   O  N N 62 
NAG O5   O  N N 63 
NAG O6   O  N N 64 
NAG O7   O  N N 65 
NAG H1   H  N N 66 
NAG H2   H  N N 67 
NAG H3   H  N N 68 
NAG H4   H  N N 69 
NAG H5   H  N N 70 
NAG H61  H  N N 71 
NAG H62  H  N N 72 
NAG H81  H  N N 73 
NAG H82  H  N N 74 
NAG H83  H  N N 75 
NAG HN2  H  N N 76 
NAG HO1  H  N N 77 
NAG HO3  H  N N 78 
NAG HO4  H  N N 79 
NAG HO6  H  N N 80 
# 
loop_
_chem_comp_bond.comp_id 
_chem_comp_bond.atom_id_1 
_chem_comp_bond.atom_id_2 
_chem_comp_bond.value_order 
_chem_comp_bond.pdbx_aromatic_flag 
_chem_comp_bond.pdbx_stereo_config 
_chem_comp_bond.pdbx_ordinal 
BDP C1  C2   sing N N 1  
BDP C1  O5   sing N N 2  
BDP C1  O1   sing N N 3  
BDP C1  H1   sing N N 4  
BDP C2  C3   sing N N 5  
BDP C2  O2   sing N N 6  
BDP C2  H2   sing N N 7  
BDP C3  C4   sing N N 8  
BDP C3  O3   sing N N 9  
BDP C3  H3   sing N N 10 
BDP C4  C5   sing N N 11 
BDP C4  O4   sing N N 12 
BDP C4  H4   sing N N 13 
BDP C5  C6   sing N N 14 
BDP C5  O5   sing N N 15 
BDP C5  H5   sing N N 16 
BDP C6  O6A  doub N N 17 
BDP C6  O6B  sing N N 18 
BDP O2  HO2  sing N N 19 
BDP O3  HO3  sing N N 20 
BDP O4  HO4  sing N N 21 
BDP O1  HO1  sing N N 22 
BDP O6B HO6B sing N N 23 
GCU C1  C2   sing N N 24 
GCU C1  O1   sing N N 25 
GCU C1  O5   sing N N 26 
GCU C1  H1   sing N N 27 
GCU C2  C3   sing N N 28 
GCU C2  O2   sing N N 29 
GCU C2  H2   sing N N 30 
GCU C3  C4   sing N N 31 
GCU C3  O3   sing N N 32 
GCU C3  H3   sing N N 33 
GCU C4  C5   sing N N 34 
GCU C4  O4   sing N N 35 
GCU C4  H4   sing N N 36 
GCU C5  C6   sing N N 37 
GCU C5  O5   sing N N 38 
GCU C5  H5   sing N N 39 
GCU C6  O6A  doub N N 40 
GCU C6  O6B  sing N N 41 
GCU O1  HO1  sing N N 42 
GCU O2  HO2  sing N N 43 
GCU O3  HO3  sing N N 44 
GCU O4  HO4  sing N N 45 
GCU O6B HO6B sing N N 46 
HOH O   H1   sing N N 47 
HOH O   H2   sing N N 48 
NAG C1  C2   sing N N 49 
NAG C1  O1   sing N N 50 
NAG C1  O5   sing N N 51 
NAG C1  H1   sing N N 52 
NAG C2  C3   sing N N 53 
NAG C2  N2   sing N N 54 
NAG C2  H2   sing N N 55 
NAG C3  C4   sing N N 56 
NAG C3  O3   sing N N 57 
NAG C3  H3   sing N N 58 
NAG C4  C5   sing N N 59 
NAG C4  O4   sing N N 60 
NAG C4  H4   sing N N 61 
NAG C5  C6   sing N N 62 
NAG C5  O5   sing N N 63 
NAG C5  H5   sing N N 64 
NAG C6  O6   sing N N 65 
NAG C6  H61  sing N N 66 
NAG C6  H62  sing N N 67 
NAG C7  C8   sing N N 68 
NAG C7  N2   sing N N 69 
NAG C7  O7   doub N N 70 
NAG C8  H81  sing N N 71 
NAG C8  H82  sing N N 72 
NAG C8  H83  sing N N 73 
NAG N2  HN2  sing N N 74 
NAG O1  HO1  sing N N 75 
NAG O3  HO3  sing N N 76 
NAG O4  HO4  sing N N 77 
NAG O6  HO6  sing N N 78 
# 
loop_
_pdbx_entity_branch_list.entity_id 
_pdbx_entity_branch_list.comp_id 
_pdbx_entity_branch_list.num 
_pdbx_entity_branch_list.hetero 
1 GCU 1 n 
1 NAG 2 n 
1 BDP 3 n 
1 NAG 4 n 
1 BDP 5 n 
1 NAG 6 n 
1 BDP 7 n 
1 NAG 8 n 
# 
_atom_sites.entry_id                    3HYA 
_atom_sites.fract_transf_matrix[1][1]   -0.08287591 
_atom_sites.fract_transf_matrix[1][2]   0.00983137 
_atom_sites.fract_transf_matrix[1][3]   -0.02360128 
_atom_sites.fract_transf_matrix[2][1]   -0.00571933 
_atom_sites.fract_transf_matrix[2][2]   -0.09873223 
_atom_sites.fract_transf_matrix[2][3]   -0.02104456 
_atom_sites.fract_transf_matrix[3][1]   -0.00854424 
_atom_sites.fract_transf_matrix[3][2]   -0.00541900 
_atom_sites.fract_transf_matrix[3][3]   0.02774578 
_atom_sites.fract_transf_vector[1]      0.000000 
_atom_sites.fract_transf_vector[2]      0.000000 
_atom_sites.fract_transf_vector[3]      0.542065 
# 
loop_
_atom_type.symbol 
C  
H  
N  
NA 
O  
# 
loop_
_atom_site.group_PDB 
_atom_site.id 
_atom_site.type_symbol 
_atom_site.label_atom_id 
_atom_site.label_alt_id 
_atom_site.label_comp_id 
_atom_site.label_asym_id 
_atom_site.label_entity_id 
_atom_site.label_seq_id 
_atom_site.pdbx_PDB_ins_code 
_atom_site.Cartn_x 
_atom_site.Cartn_y 
_atom_site.Cartn_z 
_atom_site.occupancy 
_atom_site.B_iso_or_equiv 
_atom_site.pdbx_formal_charge 
_atom_site.auth_seq_id 
_atom_site.auth_comp_id 
_atom_site.auth_asym_id 
_atom_site.auth_atom_id 
_atom_site.pdbx_PDB_model_num 
HETATM 1   C  C1  . GCU A 1 . ? 2.451   5.643  -15.932 1.00 0.00 ? 1  GCU A C1  1 
HETATM 2   C  C2  . GCU A 1 . ? 1.787   6.714  -15.076 1.00 0.00 ? 1  GCU A C2  1 
HETATM 3   C  C3  . GCU A 1 . ? 2.523   6.872  -13.755 1.00 0.00 ? 1  GCU A C3  1 
HETATM 4   C  C4  . GCU A 1 . ? 2.657   5.524  -13.060 1.00 0.00 ? 1  GCU A C4  1 
HETATM 5   C  C5  . GCU A 1 . ? 3.265   4.499  -14.011 1.00 0.00 ? 1  GCU A C5  1 
HETATM 6   C  C6  . GCU A 1 . ? 3.319   3.108  -13.417 1.00 0.00 ? 1  GCU A C6  1 
HETATM 7   O  O2  . GCU A 1 . ? 1.765   7.942  -15.793 1.00 0.00 ? 1  GCU A O2  1 
HETATM 8   O  O3  . GCU A 1 . ? 1.808   7.779  -12.914 1.00 0.00 ? 1  GCU A O3  1 
HETATM 9   O  O4  . GCU A 1 . ? 3.499   5.636  -11.914 1.00 0.00 ? 1  GCU A O4  1 
HETATM 10  O  O5  . GCU A 1 . ? 2.479   4.410  -15.211 1.00 0.00 ? 1  GCU A O5  1 
HETATM 11  O  O6A . GCU A 1 . ? 4.387   2.824  -12.834 1.00 0.00 ? 1  GCU A O6A 1 
HETATM 12  O  O6B . GCU A 1 . ? 2.289   2.421  -13.584 1.00 0.00 ? 1  GCU A O6B 1 
HETATM 13  H  H1  . GCU A 1 . ? 3.479   5.951  -16.174 1.00 0.00 ? 1  GCU A H1  1 
HETATM 14  H  H2  . GCU A 1 . ? 0.741   6.433  -14.882 1.00 0.00 ? 1  GCU A H2  1 
HETATM 15  H  H3  . GCU A 1 . ? 3.523   7.290  -13.939 1.00 0.00 ? 1  GCU A H3  1 
HETATM 16  H  H4  . GCU A 1 . ? 1.665   5.178  -12.733 1.00 0.00 ? 1  GCU A H4  1 
HETATM 17  H  H5  . GCU A 1 . ? 4.291   4.800  -14.268 1.00 0.00 ? 1  GCU A H5  1 
HETATM 18  C  C1  . NAG A 1 . ? 2.998   5.127  -10.724 1.00 0.00 ? 2  NAG A C1  1 
HETATM 19  C  C2  . NAG A 1 . ? 4.147   5.003  -9.732  1.00 0.00 ? 2  NAG A C2  1 
HETATM 20  C  C3  . NAG A 1 . ? 3.628   4.584  -8.364  1.00 0.00 ? 2  NAG A C3  1 
HETATM 21  C  C4  . NAG A 1 . ? 2.522   5.526  -7.909  1.00 0.00 ? 2  NAG A C4  1 
HETATM 22  C  C5  . NAG A 1 . ? 1.453   5.644  -8.990  1.00 0.00 ? 2  NAG A C5  1 
HETATM 23  C  C6  . NAG A 1 . ? 0.380   6.655  -8.645  1.00 0.00 ? 2  NAG A C6  1 
HETATM 24  C  C7  . NAG A 1 . ? 6.419   4.048  -9.751  1.00 0.00 ? 2  NAG A C7  1 
HETATM 25  C  C8  . NAG A 1 . ? 7.312   2.995  -10.360 1.00 0.00 ? 2  NAG A C8  1 
HETATM 26  N  N2  . NAG A 1 . ? 5.129   4.022  -10.244 1.00 0.00 ? 2  NAG A N2  1 
HETATM 27  O  O3  . NAG A 1 . ? 4.698   4.606  -7.418  1.00 0.00 ? 2  NAG A O3  1 
HETATM 28  O  O4  . NAG A 1 . ? 1.911   5.037  -6.717  1.00 0.00 ? 2  NAG A O4  1 
HETATM 29  O  O5  . NAG A 1 . ? 2.045   6.070  -10.226 1.00 0.00 ? 2  NAG A O5  1 
HETATM 30  O  O6  . NAG A 1 . ? -0.833  6.403  -9.353  1.00 0.00 ? 2  NAG A O6  1 
HETATM 31  O  O7  . NAG A 1 . ? 6.800   4.845  -8.909  1.00 0.00 ? 2  NAG A O7  1 
HETATM 32  H  H1  . NAG A 1 . ? 2.513   4.148  -10.850 1.00 0.00 ? 2  NAG A H1  1 
HETATM 33  H  H2  . NAG A 1 . ? 4.666   5.968  -9.647  1.00 0.00 ? 2  NAG A H2  1 
HETATM 34  H  H3  . NAG A 1 . ? 3.237   3.558  -8.418  1.00 0.00 ? 2  NAG A H3  1 
HETATM 35  H  H4  . NAG A 1 . ? 2.947   6.520  -7.703  1.00 0.00 ? 2  NAG A H4  1 
HETATM 36  H  H5  . NAG A 1 . ? 0.964   4.669  -9.131  1.00 0.00 ? 2  NAG A H5  1 
HETATM 37  H  H61 . NAG A 1 . ? 0.167   6.611  -7.566  1.00 0.00 ? 2  NAG A H61 1 
HETATM 38  H  H62 . NAG A 1 . ? 0.729   7.665  -8.907  1.00 0.00 ? 2  NAG A H62 1 
HETATM 39  H  H81 . NAG A 1 . ? 8.365   3.275  -10.212 1.00 0.00 ? 2  NAG A H81 1 
HETATM 40  H  H82 . NAG A 1 . ? 7.102   2.914  -11.437 1.00 0.00 ? 2  NAG A H82 1 
HETATM 41  H  H83 . NAG A 1 . ? 7.119   2.027  -9.876  1.00 0.00 ? 2  NAG A H83 1 
HETATM 42  H  HN2 . NAG A 1 . ? 4.869   3.386  -10.900 1.00 0.00 ? 2  NAG A HN2 1 
HETATM 43  C  C1  . BDP A 1 . ? 4.906   3.441  -6.691  1.00 0.00 ? 3  BDP A C1  1 
HETATM 44  C  C2  . BDP A 1 . ? 5.909   3.738  -5.583  1.00 0.00 ? 3  BDP A C2  1 
HETATM 45  C  C3  . BDP A 1 . ? 6.063   2.534  -4.666  1.00 0.00 ? 3  BDP A C3  1 
HETATM 46  C  C4  . BDP A 1 . ? 4.702   2.078  -4.158  1.00 0.00 ? 3  BDP A C4  1 
HETATM 47  C  C5  . BDP A 1 . ? 3.746   1.873  -5.329  1.00 0.00 ? 3  BDP A C5  1 
HETATM 48  C  C6  . BDP A 1 . ? 2.341   1.529  -4.881  1.00 0.00 ? 3  BDP A C6  1 
HETATM 49  O  O2  . BDP A 1 . ? 7.157   4.096  -6.162  1.00 0.00 ? 3  BDP A O2  1 
HETATM 50  O  O3  . BDP A 1 . ? 6.900   2.878  -3.560  1.00 0.00 ? 3  BDP A O3  1 
HETATM 51  O  O4  . BDP A 1 . ? 4.823   0.847  -3.449  1.00 0.00 ? 3  BDP A O4  1 
HETATM 52  O  O5  . BDP A 1 . ? 3.653   3.075  -6.109  1.00 0.00 ? 3  BDP A O5  1 
HETATM 53  O  O6A . BDP A 1 . ? 2.269   0.883  -3.814  1.00 0.00 ? 3  BDP A O6A 1 
HETATM 54  O  O6B . BDP A 1 . ? 1.431   1.935  -5.638  1.00 0.00 ? 3  BDP A O6B 1 
HETATM 55  H  H1  . BDP A 1 . ? 5.279   2.612  -7.310  1.00 0.00 ? 3  BDP A H1  1 
HETATM 56  H  H2  . BDP A 1 . ? 5.563   4.603  -4.997  1.00 0.00 ? 3  BDP A H2  1 
HETATM 57  H  H3  . BDP A 1 . ? 6.544   1.712  -5.218  1.00 0.00 ? 3  BDP A H3  1 
HETATM 58  H  H4  . BDP A 1 . ? 4.291   2.838  -3.477  1.00 0.00 ? 3  BDP A H4  1 
HETATM 59  H  H5  . BDP A 1 . ? 4.111   1.051  -5.962  1.00 0.00 ? 3  BDP A H5  1 
HETATM 60  C  C1  . NAG A 1 . ? 4.273   0.811  -2.173  1.00 0.00 ? 4  NAG A C1  1 
HETATM 61  C  C2  . NAG A 1 . ? 4.077   -0.646 -1.776  1.00 0.00 ? 4  NAG A C2  1 
HETATM 62  C  C3  . NAG A 1 . ? 3.611   -0.748 -0.332  1.00 0.00 ? 4  NAG A C3  1 
HETATM 63  C  C4  . NAG A 1 . ? 4.558   0.017  0.583   1.00 0.00 ? 4  NAG A C4  1 
HETATM 64  C  C5  . NAG A 1 . ? 4.749   1.441  0.071   1.00 0.00 ? 4  NAG A C5  1 
HETATM 65  C  C6  . NAG A 1 . ? 5.770   2.219  0.874   1.00 0.00 ? 4  NAG A C6  1 
HETATM 66  C  C7  . NAG A 1 . ? 3.317   -2.567 -3.119  1.00 0.00 ? 4  NAG A C7  1 
HETATM 67  C  C8  . NAG A 1 . ? 2.239   -3.080 -4.044  1.00 0.00 ? 4  NAG A C8  1 
HETATM 68  N  N2  . NAG A 1 . ? 3.096   -1.274 -2.689  1.00 0.00 ? 4  NAG A N2  1 
HETATM 69  O  O3  . NAG A 1 . ? 3.564   -2.120 0.062   1.00 0.00 ? 4  NAG A O3  1 
HETATM 70  O  O4  . NAG A 1 . ? 4.029   0.078  1.907   1.00 0.00 ? 4  NAG A O4  1 
HETATM 71  O  O5  . NAG A 1 . ? 5.215   1.419  -1.287  1.00 0.00 ? 4  NAG A O5  1 
HETATM 72  O  O6  . NAG A 1 . ? 5.541   3.625  0.801   1.00 0.00 ? 4  NAG A O6  1 
HETATM 73  O  O7  . NAG A 1 . ? 4.284   -3.232 -2.785  1.00 0.00 ? 4  NAG A O7  1 
HETATM 74  H  H1  . NAG A 1 . ? 3.312   1.342  -2.110  1.00 0.00 ? 4  NAG A H1  1 
HETATM 75  H  H2  . NAG A 1 . ? 5.025   -1.191 -1.895  1.00 0.00 ? 4  NAG A H2  1 
HETATM 76  H  H3  . NAG A 1 . ? 2.597   -0.330 -0.243  1.00 0.00 ? 4  NAG A H3  1 
HETATM 77  H  H4  . NAG A 1 . ? 5.530   -0.495 0.616   1.00 0.00 ? 4  NAG A H4  1 
HETATM 78  H  H5  . NAG A 1 . ? 3.793   1.982  0.124   1.00 0.00 ? 4  NAG A H5  1 
HETATM 79  H  H61 . NAG A 1 . ? 5.716   1.915  1.930   1.00 0.00 ? 4  NAG A H61 1 
HETATM 80  H  H62 . NAG A 1 . ? 6.777   2.013  0.485   1.00 0.00 ? 4  NAG A H62 1 
HETATM 81  H  H81 . NAG A 1 . ? 1.294   -3.177 -3.489  1.00 0.00 ? 4  NAG A H81 1 
HETATM 82  H  H82 . NAG A 1 . ? 2.104   -2.373 -4.877  1.00 0.00 ? 4  NAG A H82 1 
HETATM 83  H  H83 . NAG A 1 . ? 2.533   -4.063 -4.441  1.00 0.00 ? 4  NAG A H83 1 
HETATM 84  H  HN2 . NAG A 1 . ? 2.330   -0.788 -2.972  1.00 0.00 ? 4  NAG A HN2 1 
HETATM 85  C  C1  . BDP A 1 . ? 2.321   -2.616 0.435   1.00 0.00 ? 5  BDP A C1  1 
HETATM 86  C  C2  . BDP A 1 . ? 2.522   -3.981 1.082   1.00 0.00 ? 5  BDP A C2  1 
HETATM 87  C  C3  . BDP A 1 . ? 1.208   -4.505 1.638   1.00 0.00 ? 5  BDP A C3  1 
HETATM 88  C  C4  . BDP A 1 . ? 0.575   -3.474 2.563   1.00 0.00 ? 5  BDP A C4  1 
HETATM 89  C  C5  . BDP A 1 . ? 0.478   -2.126 1.857   1.00 0.00 ? 5  BDP A C5  1 
HETATM 90  C  C6  . BDP A 1 . ? -0.038  -1.027 2.762   1.00 0.00 ? 5  BDP A C6  1 
HETATM 91  O  O2  . BDP A 1 . ? 3.061   -4.881 0.122   1.00 0.00 ? 5  BDP A O2  1 
HETATM 92  O  O3  . BDP A 1 . ? 1.442   -5.717 2.358   1.00 0.00 ? 5  BDP A O3  1 
HETATM 93  O  O4  . BDP A 1 . ? -0.737  -3.884 2.943   1.00 0.00 ? 5  BDP A O4  1 
HETATM 94  O  O5  . BDP A 1 . ? 1.775   -1.712 1.397   1.00 0.00 ? 5  BDP A O5  1 
HETATM 95  O  O6A . BDP A 1 . ? -1.275  -0.850 2.726   1.00 0.00 ? 5  BDP A O6A 1 
HETATM 96  O  O6B . BDP A 1 . ? 0.838   -0.438 3.431   1.00 0.00 ? 5  BDP A O6B 1 
HETATM 97  H  H1  . BDP A 1 . ? 1.629   -2.711 -0.415  1.00 0.00 ? 5  BDP A H1  1 
HETATM 98  H  H2  . BDP A 1 . ? 3.258   -3.897 1.896   1.00 0.00 ? 5  BDP A H2  1 
HETATM 99  H  H3  . BDP A 1 . ? 0.520   -4.726 0.810   1.00 0.00 ? 5  BDP A H3  1 
HETATM 100 H  H4  . BDP A 1 . ? 1.187   -3.369 3.471   1.00 0.00 ? 5  BDP A H4  1 
HETATM 101 H  H5  . BDP A 1 . ? -0.205  -2.208 0.999   1.00 0.00 ? 5  BDP A H5  1 
HETATM 102 C  C1  . NAG A 1 . ? -1.020  -3.873 4.302   1.00 0.00 ? 6  NAG A C1  1 
HETATM 103 C  C2  . NAG A 1 . ? -2.529  -3.977 4.479   1.00 0.00 ? 6  NAG A C2  1 
HETATM 104 C  C3  . NAG A 1 . ? -2.885  -4.113 5.952   1.00 0.00 ? 6  NAG A C3  1 
HETATM 105 C  C4  . NAG A 1 . ? -2.112  -5.266 6.577   1.00 0.00 ? 6  NAG A C4  1 
HETATM 106 C  C5  . NAG A 1 . ? -0.621  -5.117 6.291   1.00 0.00 ? 6  NAG A C5  1 
HETATM 107 C  C6  . NAG A 1 . ? 0.192   -6.293 6.789   1.00 0.00 ? 6  NAG A C6  1 
HETATM 108 C  C7  . NAG A 1 . ? -4.512  -2.838 3.559   1.00 0.00 ? 6  NAG A C7  1 
HETATM 109 C  C8  . NAG A 1 . ? -5.036  -1.552 2.970   1.00 0.00 ? 6  NAG A C8  1 
HETATM 110 N  N2  . NAG A 1 . ? -3.173  -2.781 3.892   1.00 0.00 ? 6  NAG A N2  1 
HETATM 111 O  O3  . NAG A 1 . ? -4.288  -4.346 6.087   1.00 0.00 ? 6  NAG A O3  1 
HETATM 112 O  O4  . NAG A 1 . ? -2.303  -5.285 7.990   1.00 0.00 ? 6  NAG A O4  1 
HETATM 113 O  O5  . NAG A 1 . ? -0.397  -5.025 4.876   1.00 0.00 ? 6  NAG A O5  1 
HETATM 114 O  O6  . NAG A 1 . ? 1.560   -5.943 6.993   1.00 0.00 ? 6  NAG A O6  1 
HETATM 115 O  O7  . NAG A 1 . ? -5.202  -3.831 3.722   1.00 0.00 ? 6  NAG A O7  1 
HETATM 116 H  H1  . NAG A 1 . ? -0.652  -2.967 4.806   1.00 0.00 ? 6  NAG A H1  1 
HETATM 117 H  H2  . NAG A 1 . ? -2.905  -4.852 3.928   1.00 0.00 ? 6  NAG A H2  1 
HETATM 118 H  H3  . NAG A 1 . ? -2.639  -3.179 6.478   1.00 0.00 ? 6  NAG A H3  1 
HETATM 119 H  H4  . NAG A 1 . ? -2.472  -6.219 6.161   1.00 0.00 ? 6  NAG A H4  1 
HETATM 120 H  H5  . NAG A 1 . ? -0.241  -4.211 6.785   1.00 0.00 ? 6  NAG A H5  1 
HETATM 121 H  H61 . NAG A 1 . ? -0.222  -6.646 7.745   1.00 0.00 ? 6  NAG A H61 1 
HETATM 122 H  H62 . NAG A 1 . ? 0.151   -7.107 6.050   1.00 0.00 ? 6  NAG A H62 1 
HETATM 123 H  H81 . NAG A 1 . ? -5.964  -1.752 2.415   1.00 0.00 ? 6  NAG A H81 1 
HETATM 124 H  H82 . NAG A 1 . ? -4.285  -1.127 2.287   1.00 0.00 ? 6  NAG A H82 1 
HETATM 125 H  H83 . NAG A 1 . ? -5.241  -0.836 3.779   1.00 0.00 ? 6  NAG A H83 1 
HETATM 126 H  HN2 . NAG A 1 . ? -2.667  -1.989 3.750   1.00 0.00 ? 6  NAG A HN2 1 
HETATM 127 C  C1  . BDP A 1 . ? -4.980  -3.488 6.932   1.00 0.00 ? 7  BDP A C1  1 
HETATM 128 C  C2  . BDP A 1 . ? -6.386  -4.040 7.132   1.00 0.00 ? 7  BDP A C2  1 
HETATM 129 C  C3  . BDP A 1 . ? -7.141  -3.217 8.165   1.00 0.00 ? 7  BDP A C3  1 
HETATM 130 C  C4  . BDP A 1 . ? -6.332  -3.112 9.450   1.00 0.00 ? 7  BDP A C4  1 
HETATM 131 C  C5  . BDP A 1 . ? -4.921  -2.619 9.146   1.00 0.00 ? 7  BDP A C5  1 
HETATM 132 C  C6  . BDP A 1 . ? -4.031  -2.601 10.371  1.00 0.00 ? 7  BDP A C6  1 
HETATM 133 O  O2  . BDP A 1 . ? -7.072  -4.042 5.887   1.00 0.00 ? 7  BDP A O2  1 
HETATM 134 O  O3  . BDP A 1 . ? -8.402  -3.831 8.438   1.00 0.00 ? 7  BDP A O3  1 
HETATM 135 O  O4  . BDP A 1 . ? -6.949  -2.195 10.353  1.00 0.00 ? 7  BDP A O4  1 
HETATM 136 O  O5  . BDP A 1 . ? -4.292  -3.481 8.184   1.00 0.00 ? 7  BDP A O5  1 
HETATM 137 O  O6A . BDP A 1 . ? -4.620  -2.374 11.449  1.00 0.00 ? 7  BDP A O6A 1 
HETATM 138 O  O6B . BDP A 1 . ? -2.819  -2.816 10.146  1.00 0.00 ? 7  BDP A O6B 1 
HETATM 139 H  H1  . BDP A 1 . ? -5.042  -2.462 6.541   1.00 0.00 ? 7  BDP A H1  1 
HETATM 140 H  H2  . BDP A 1 . ? -6.324  -5.086 7.471   1.00 0.00 ? 7  BDP A H2  1 
HETATM 141 H  H3  . BDP A 1 . ? -7.328  -2.210 7.765   1.00 0.00 ? 7  BDP A H3  1 
HETATM 142 H  H4  . BDP A 1 . ? -6.279  -4.099 9.934   1.00 0.00 ? 7  BDP A H4  1 
HETATM 143 H  H5  . BDP A 1 . ? -4.968  -1.595 8.746   1.00 0.00 ? 7  BDP A H5  1 
HETATM 144 C  C1  . NAG A 1 . ? -7.188  -2.660 11.640  1.00 0.00 ? 8  NAG A C1  1 
HETATM 145 C  C2  . NAG A 1 . ? -7.396  -1.459 12.553  1.00 0.00 ? 8  NAG A C2  1 
HETATM 146 C  C3  . NAG A 1 . ? -7.803  -1.911 13.946  1.00 0.00 ? 8  NAG A C3  1 
HETATM 147 C  C4  . NAG A 1 . ? -9.008  -2.840 13.868  1.00 0.00 ? 8  NAG A C4  1 
HETATM 148 C  C5  . NAG A 1 . ? -8.738  -3.970 12.882  1.00 0.00 ? 8  NAG A C5  1 
HETATM 149 C  C6  . NAG A 1 . ? -9.942  -4.865 12.672  1.00 0.00 ? 8  NAG A C6  1 
HETATM 150 C  C7  . NAG A 1 . ? -6.237  0.715  12.601  1.00 0.00 ? 8  NAG A C7  1 
HETATM 151 C  C8  . NAG A 1 . ? -4.891  1.397  12.656  1.00 0.00 ? 8  NAG A C8  1 
HETATM 152 N  N2  . NAG A 1 . ? -6.149  -0.662 12.604  1.00 0.00 ? 8  NAG A N2  1 
HETATM 153 O  O3  . NAG A 1 . ? -8.124  -0.772 14.747  1.00 0.00 ? 8  NAG A O3  1 
HETATM 154 O  O4  . NAG A 1 . ? -9.281  -3.409 15.148  1.00 0.00 ? 8  NAG A O4  1 
HETATM 155 O  O5  . NAG A 1 . ? -8.390  -3.433 11.596  1.00 0.00 ? 8  NAG A O5  1 
HETATM 156 O  O6  . NAG A 1 . ? -9.562  -6.175 12.257  1.00 0.00 ? 8  NAG A O6  1 
HETATM 157 O  O7  . NAG A 1 . ? -7.294  1.323  12.560  1.00 0.00 ? 8  NAG A O7  1 
HETATM 158 H  H1  . NAG A 1 . ? -6.367  -3.279 12.028  1.00 0.00 ? 8  NAG A H1  1 
HETATM 159 H  H2  . NAG A 1 . ? -8.178  -0.809 12.134  1.00 0.00 ? 8  NAG A H2  1 
HETATM 160 H  H3  . NAG A 1 . ? -6.963  -2.439 14.421  1.00 0.00 ? 8  NAG A H3  1 
HETATM 161 H  H4  . NAG A 1 . ? -9.890  -2.270 13.541  1.00 0.00 ? 8  NAG A H4  1 
HETATM 162 H  H5  . NAG A 1 . ? -7.913  -4.595 13.255  1.00 0.00 ? 8  NAG A H5  1 
HETATM 163 H  H61 . NAG A 1 . ? -10.503 -4.951 13.615  1.00 0.00 ? 8  NAG A H61 1 
HETATM 164 H  H62 . NAG A 1 . ? -10.591 -4.432 11.898  1.00 0.00 ? 8  NAG A H62 1 
HETATM 165 H  H81 . NAG A 1 . ? -4.416  1.197  13.627  1.00 0.00 ? 8  NAG A H81 1 
HETATM 166 H  H82 . NAG A 1 . ? -4.250  1.011  11.848  1.00 0.00 ? 8  NAG A H82 1 
HETATM 167 H  H83 . NAG A 1 . ? -5.024  2.483  12.531  1.00 0.00 ? 8  NAG A H83 1 
HETATM 168 H  HN2 . NAG A 1 . ? -5.306  -1.100 12.636  1.00 0.00 ? 8  NAG A HN2 1 
HETATM 169 NA NA  . NA  B 2 . ? 5.587   1.877  -14.843 1.00 0.00 ? 9  NA  A NA  1 
HETATM 170 NA NA  . NA  C 2 . ? 0.236   2.178  -7.864  1.00 0.00 ? 10 NA  A NA  1 
HETATM 171 NA NA  . NA  D 2 . ? -1.282  0.853  0.862   1.00 0.00 ? 11 NA  A NA  1 
HETATM 172 NA NA  . NA  E 2 . ? -0.589  -2.401 9.008   1.00 0.00 ? 12 NA  A NA  1 
HETATM 173 O  O   . HOH F 3 . ? 1.829   0.190  -7.798  1.00 0.00 ? 13 HOH A O   1 
HETATM 174 O  O   . HOH F 3 . ? -1.694  3.928  -8.450  1.00 0.00 ? 14 HOH A O   1 
HETATM 175 O  O   . HOH F 3 . ? 8.211   2.218  -15.779 1.00 0.00 ? 15 HOH A O   1 
HETATM 176 O  O   . HOH F 3 . ? 0.011   1.309  -14.681 1.00 0.00 ? 16 HOH A O   1 
HETATM 177 O  O   . HOH F 3 . ? -2.161  -0.401 8.878   1.00 0.00 ? 17 HOH A O   1 
HETATM 178 O  O   . HOH F 3 . ? 1.523   -4.036 9.005   1.00 0.00 ? 18 HOH A O   1 
HETATM 179 O  O   . HOH F 3 . ? -2.922  1.137  -1.398  1.00 0.00 ? 19 HOH A O   1 
HETATM 180 O  O   . HOH F 3 . ? 3.212   0.736  4.214   1.00 0.00 ? 20 HOH A O   1 
# 
